data_8ZAU
#
_entry.id   8ZAU
#
_cell.length_a   49.400
_cell.length_b   52.588
_cell.length_c   100.784
_cell.angle_alpha   90.00
_cell.angle_beta   90.00
_cell.angle_gamma   90.00
#
_symmetry.space_group_name_H-M   'P 2 2 21'
#
loop_
_entity.id
_entity.type
_entity.pdbx_description
1 polymer 'RNA (69-MER)'
2 non-polymer GUANINE
3 non-polymer 'BARIUM ION'
4 non-polymer 'PHOSPHATE ION'
5 non-polymer 'SODIUM ION'
6 water water
#
_entity_poly.entity_id   1
_entity_poly.type   'polyribonucleotide'
_entity_poly.pdbx_seq_one_letter_code
;GCGGGCUGACCGACCCCCCGAGUUCGCUUGGGGACAACUAGACAUACAGUAUGAAAAUGCUG(1MA)GCCCGC
;
_entity_poly.pdbx_strand_id   A
#